data_7BDQ
#
_entry.id   7BDQ
#
_cell.length_a   65.027
_cell.length_b   73.041
_cell.length_c   74.347
_cell.angle_alpha   90.000
_cell.angle_beta   90.000
_cell.angle_gamma   90.000
#
_symmetry.space_group_name_H-M   'P 21 21 21'
#
loop_
_entity.id
_entity.type
_entity.pdbx_description
1 polymer 'Mitogen-activated protein kinase 14'
2 non-polymer ~{N}-[(2~{S})-4-cyclohexyl-1-[[(3~{R})-1-methylsulfonylpiperidin-3-yl]amino]-1-oxidanylidene-butan-2-yl]-4-[[(1-phenylpyrazolo[3,4-d]pyrimidin-4-yl)amino]methyl]benzamide
3 non-polymer 1,2-ETHANEDIOL
4 non-polymer '2-(N-MORPHOLINO)-ETHANESULFONIC ACID'
5 water water
#
_entity_poly.entity_id   1
_entity_poly.type   'polypeptide(L)'
_entity_poly.pdbx_seq_one_letter_code
;GMSQERPTFYRQELNKTIWEVPERYQNLSPVGSGAYGSVCAAFDTKTGHRVAVKKLSRPFQSIIHAKRTYRELRLLKHMK
HENVIGLLDVFTPARSLEEFNDVYLVTHLMGADLNNIVKCQKLTDDHVQFLIYQILRGLKYIHSADIIHRDLKPSNLAVN
EDCELKILDFGLARHTDDEMTGYVATRWYRAPEIMLNWMHYNQTVDIWSVGCIMAELLTGRTLFPGTDHIDQLKLILRLV
GTPGAELLKKISSESARNYIQSLAQMPKMNFANVFIGANPLAVDLLEKMLVLDSDKRITAAQALAHAYFAQYHDPDDEPV
ADPYDQSFESRDLLIDEWKSLTYDEVISFVPPPLDQEEMES
;
_entity_poly.pdbx_strand_id   A
#
loop_
_chem_comp.id
_chem_comp.type
_chem_comp.name
_chem_comp.formula
EDO non-polymer 1,2-ETHANEDIOL 'C2 H6 O2'
MES non-polymer '2-(N-MORPHOLINO)-ETHANESULFONIC ACID' 'C6 H13 N O4 S'
TJZ non-polymer ~{N}-[(2~{S})-4-cyclohexyl-1-[[(3~{R})-1-methylsulfonylpiperidin-3-yl]amino]-1-oxidanylidene-butan-2-yl]-4-[[(1-phenylpyrazolo[3,4-d]pyrimidin-4-yl)amino]methyl]benzamide 'C35 H44 N8 O4 S'
#
# COMPACT_ATOMS: atom_id res chain seq x y z
N ARG A 6 -22.52 -1.93 24.85
CA ARG A 6 -21.14 -2.51 24.90
C ARG A 6 -21.20 -4.04 24.94
N PRO A 7 -20.36 -4.71 24.12
CA PRO A 7 -20.33 -6.18 24.08
C PRO A 7 -19.58 -6.82 25.24
N THR A 8 -19.76 -8.12 25.45
CA THR A 8 -19.01 -8.92 26.44
C THR A 8 -17.72 -9.42 25.82
N PHE A 9 -16.58 -9.19 26.48
CA PHE A 9 -15.22 -9.59 26.03
C PHE A 9 -14.80 -10.89 26.74
N TYR A 10 -13.69 -11.49 26.31
CA TYR A 10 -13.04 -12.67 26.92
C TYR A 10 -11.52 -12.55 26.77
N ARG A 11 -10.78 -12.92 27.83
CA ARG A 11 -9.29 -12.92 27.90
C ARG A 11 -8.76 -14.11 27.08
N GLN A 12 -7.46 -14.12 26.75
CA GLN A 12 -6.77 -15.29 26.12
C GLN A 12 -5.27 -15.00 26.02
N GLU A 13 -4.41 -15.96 26.43
CA GLU A 13 -2.95 -15.95 26.14
C GLU A 13 -2.75 -16.64 24.79
N LEU A 14 -2.21 -15.94 23.78
CA LEU A 14 -1.82 -16.54 22.47
C LEU A 14 -0.40 -16.08 22.14
N ASN A 15 0.58 -17.00 22.22
CA ASN A 15 2.02 -16.72 22.09
C ASN A 15 2.44 -15.66 23.12
N LYS A 16 2.21 -15.95 24.40
CA LYS A 16 2.50 -15.05 25.55
C LYS A 16 1.91 -13.64 25.29
N THR A 17 0.82 -13.54 24.52
CA THR A 17 0.14 -12.26 24.18
C THR A 17 -1.30 -12.29 24.71
N ILE A 18 -1.67 -11.30 25.54
CA ILE A 18 -3.02 -11.16 26.15
C ILE A 18 -3.97 -10.61 25.06
N TRP A 19 -4.98 -11.41 24.68
CA TRP A 19 -6.01 -11.13 23.64
C TRP A 19 -7.39 -11.04 24.28
N GLU A 20 -7.88 -9.82 24.48
CA GLU A 20 -9.26 -9.52 24.95
C GLU A 20 -10.10 -9.00 23.77
N VAL A 21 -11.15 -9.72 23.39
CA VAL A 21 -12.02 -9.40 22.22
C VAL A 21 -13.47 -9.62 22.62
N PRO A 22 -14.45 -8.98 21.93
CA PRO A 22 -15.85 -9.39 22.03
C PRO A 22 -15.99 -10.87 21.67
N GLU A 23 -17.01 -11.52 22.25
CA GLU A 23 -17.22 -12.98 22.15
C GLU A 23 -17.71 -13.32 20.73
N ARG A 24 -18.25 -12.34 19.98
CA ARG A 24 -18.70 -12.57 18.59
C ARG A 24 -17.52 -13.08 17.74
N TYR A 25 -16.29 -12.66 18.06
CA TYR A 25 -15.03 -13.15 17.43
C TYR A 25 -14.51 -14.38 18.17
N GLN A 26 -14.64 -15.55 17.56
CA GLN A 26 -14.28 -16.87 18.14
C GLN A 26 -13.10 -17.46 17.37
N ASN A 27 -12.54 -18.57 17.85
CA ASN A 27 -11.48 -19.36 17.17
C ASN A 27 -10.30 -18.46 16.78
N LEU A 28 -9.94 -17.51 17.62
CA LEU A 28 -8.72 -16.71 17.36
C LEU A 28 -7.56 -17.70 17.16
N SER A 29 -6.89 -17.61 16.02
CA SER A 29 -5.67 -18.40 15.69
C SER A 29 -4.59 -17.48 15.14
N PRO A 30 -3.37 -17.49 15.71
CA PRO A 30 -2.29 -16.60 15.23
C PRO A 30 -1.97 -16.88 13.76
N VAL A 31 -1.82 -15.83 12.94
CA VAL A 31 -1.44 -15.95 11.50
C VAL A 31 -0.19 -15.13 11.22
N GLY A 32 0.52 -15.47 10.13
CA GLY A 32 1.64 -14.68 9.59
C GLY A 32 2.97 -15.04 10.24
N SER A 33 3.03 -16.17 10.94
CA SER A 33 4.26 -16.73 11.56
C SER A 33 4.99 -15.67 12.41
N GLY A 34 4.27 -14.67 12.92
CA GLY A 34 4.81 -13.53 13.69
C GLY A 34 4.92 -12.28 12.84
N ALA A 35 5.64 -12.37 11.71
CA ALA A 35 6.22 -11.24 10.92
C ALA A 35 5.18 -10.17 10.58
N TYR A 36 3.87 -10.46 10.68
CA TYR A 36 2.77 -9.50 10.34
C TYR A 36 2.29 -8.76 11.61
N GLY A 37 3.08 -8.80 12.69
CA GLY A 37 2.70 -8.24 14.00
C GLY A 37 1.81 -9.20 14.77
N SER A 38 0.98 -8.67 15.68
CA SER A 38 0.04 -9.46 16.52
C SER A 38 -1.31 -9.55 15.78
N VAL A 39 -1.46 -10.61 14.98
CA VAL A 39 -2.65 -10.85 14.13
C VAL A 39 -3.21 -12.24 14.43
N CYS A 40 -4.53 -12.31 14.51
CA CYS A 40 -5.26 -13.59 14.68
C CYS A 40 -6.34 -13.67 13.63
N ALA A 41 -6.41 -14.80 12.93
CA ALA A 41 -7.61 -15.27 12.22
C ALA A 41 -8.70 -15.50 13.27
N ALA A 42 -9.89 -14.93 13.09
CA ALA A 42 -11.08 -15.23 13.91
C ALA A 42 -12.28 -15.62 13.02
N PHE A 43 -13.37 -16.09 13.63
CA PHE A 43 -14.68 -16.34 12.98
C PHE A 43 -15.68 -15.31 13.50
N ASP A 44 -16.13 -14.43 12.62
CA ASP A 44 -17.18 -13.43 12.96
C ASP A 44 -18.49 -14.19 13.01
N THR A 45 -18.96 -14.46 14.22
CA THR A 45 -20.19 -15.19 14.51
C THR A 45 -21.39 -14.34 14.09
N LYS A 46 -21.28 -13.02 14.07
CA LYS A 46 -22.41 -12.15 13.62
C LYS A 46 -22.70 -12.44 12.14
N THR A 47 -21.68 -12.65 11.32
CA THR A 47 -21.82 -12.79 9.84
C THR A 47 -21.32 -14.15 9.33
N GLY A 48 -20.65 -14.94 10.17
CA GLY A 48 -20.16 -16.28 9.79
C GLY A 48 -19.12 -16.25 8.68
N HIS A 49 -18.41 -15.13 8.49
CA HIS A 49 -17.16 -15.08 7.69
C HIS A 49 -15.96 -15.12 8.63
N ARG A 50 -14.81 -15.57 8.11
CA ARG A 50 -13.50 -15.46 8.79
C ARG A 50 -13.04 -14.00 8.72
N VAL A 51 -12.26 -13.54 9.70
CA VAL A 51 -11.78 -12.13 9.80
C VAL A 51 -10.32 -12.14 10.28
N ALA A 52 -9.68 -10.99 10.23
CA ALA A 52 -8.36 -10.72 10.83
C ALA A 52 -8.55 -9.74 11.98
N VAL A 53 -8.15 -10.13 13.19
CA VAL A 53 -8.00 -9.19 14.33
C VAL A 53 -6.51 -8.90 14.49
N LYS A 54 -6.13 -7.62 14.42
CA LYS A 54 -4.78 -7.13 14.78
C LYS A 54 -4.93 -6.32 16.06
N LYS A 55 -4.31 -6.79 17.16
CA LYS A 55 -4.05 -5.98 18.37
C LYS A 55 -2.88 -5.04 18.06
N LEU A 56 -3.09 -3.73 18.17
CA LEU A 56 -1.99 -2.74 17.93
C LEU A 56 -0.99 -2.86 19.07
N SER A 57 0.29 -2.84 18.68
CA SER A 57 1.49 -3.16 19.49
C SER A 57 2.07 -1.87 20.08
N ARG A 58 2.14 -1.75 21.41
CA ARG A 58 2.75 -0.60 22.16
C ARG A 58 2.17 0.71 21.60
N PRO A 59 0.82 0.85 21.57
CA PRO A 59 0.19 1.88 20.73
C PRO A 59 0.39 3.31 21.24
N PHE A 60 0.61 3.53 22.54
CA PHE A 60 0.73 4.89 23.13
C PHE A 60 2.08 5.03 23.83
N GLN A 61 3.09 4.29 23.38
CA GLN A 61 4.44 4.22 23.99
C GLN A 61 5.12 5.58 23.88
N SER A 62 5.03 6.24 22.72
CA SER A 62 5.70 7.53 22.43
C SER A 62 4.73 8.44 21.68
N ILE A 63 5.11 9.69 21.46
CA ILE A 63 4.37 10.66 20.59
C ILE A 63 4.21 10.00 19.22
N ILE A 64 5.32 9.52 18.65
CA ILE A 64 5.40 8.92 17.27
C ILE A 64 4.40 7.76 17.19
N HIS A 65 4.49 6.78 18.10
CA HIS A 65 3.60 5.57 18.15
C HIS A 65 2.14 5.99 18.37
N ALA A 66 1.90 6.96 19.24
CA ALA A 66 0.55 7.50 19.55
C ALA A 66 -0.05 8.08 18.28
N LYS A 67 0.66 9.02 17.66
CA LYS A 67 0.23 9.72 16.43
C LYS A 67 0.06 8.71 15.28
N ARG A 68 0.86 7.65 15.26
CA ARG A 68 0.87 6.62 14.19
C ARG A 68 -0.33 5.70 14.40
N THR A 69 -0.67 5.44 15.65
CA THR A 69 -1.88 4.66 15.99
C THR A 69 -3.08 5.43 15.47
N TYR A 70 -3.08 6.75 15.63
CA TYR A 70 -4.20 7.64 15.22
C TYR A 70 -4.35 7.66 13.70
N ARG A 71 -3.26 7.92 12.98
CA ARG A 71 -3.25 8.04 11.51
C ARG A 71 -3.88 6.78 10.91
N GLU A 72 -3.52 5.63 11.47
CA GLU A 72 -3.88 4.31 10.91
C GLU A 72 -5.39 4.14 11.00
N LEU A 73 -5.92 4.39 12.18
CA LEU A 73 -7.37 4.29 12.48
C LEU A 73 -8.11 5.34 11.66
N ARG A 74 -7.56 6.55 11.57
CA ARG A 74 -8.13 7.65 10.75
C ARG A 74 -8.16 7.22 9.29
N LEU A 75 -7.09 6.57 8.83
CA LEU A 75 -7.01 6.09 7.43
C LEU A 75 -7.98 4.94 7.19
N LEU A 76 -7.91 3.90 8.01
CA LEU A 76 -8.78 2.73 7.79
C LEU A 76 -10.25 3.18 7.75
N LYS A 77 -10.67 4.03 8.69
CA LYS A 77 -12.06 4.54 8.78
C LYS A 77 -12.46 5.29 7.51
N HIS A 78 -11.52 5.83 6.76
CA HIS A 78 -11.83 6.63 5.56
C HIS A 78 -12.04 5.75 4.32
N MET A 79 -11.18 4.75 4.13
CA MET A 79 -11.17 3.83 2.96
C MET A 79 -12.51 3.09 2.86
N LYS A 80 -13.37 3.56 1.96
CA LYS A 80 -14.66 2.92 1.61
C LYS A 80 -14.64 2.69 0.09
N HIS A 81 -13.82 1.74 -0.39
CA HIS A 81 -13.54 1.46 -1.83
C HIS A 81 -13.14 -0.01 -2.01
N GLU A 82 -13.54 -0.58 -3.16
CA GLU A 82 -13.53 -2.06 -3.46
C GLU A 82 -12.09 -2.56 -3.51
N ASN A 83 -11.13 -1.73 -3.94
CA ASN A 83 -9.72 -2.13 -4.23
C ASN A 83 -8.77 -1.58 -3.17
N VAL A 84 -9.32 -1.14 -2.03
CA VAL A 84 -8.56 -0.69 -0.84
C VAL A 84 -9.13 -1.37 0.39
N ILE A 85 -8.27 -1.76 1.33
CA ILE A 85 -8.65 -2.39 2.63
C ILE A 85 -9.60 -1.45 3.38
N GLY A 86 -10.65 -2.01 3.96
CA GLY A 86 -11.62 -1.28 4.81
C GLY A 86 -11.65 -1.87 6.21
N LEU A 87 -12.20 -1.12 7.15
CA LEU A 87 -12.33 -1.54 8.57
C LEU A 87 -13.73 -2.10 8.78
N LEU A 88 -13.84 -3.36 9.18
CA LEU A 88 -15.13 -3.93 9.61
C LEU A 88 -15.45 -3.44 11.01
N ASP A 89 -14.41 -3.33 11.85
CA ASP A 89 -14.53 -3.18 13.33
C ASP A 89 -13.21 -2.66 13.90
N VAL A 90 -13.32 -1.75 14.87
CA VAL A 90 -12.22 -1.29 15.77
C VAL A 90 -12.77 -1.32 17.18
N PHE A 91 -12.04 -1.93 18.12
CA PHE A 91 -12.50 -2.06 19.53
C PHE A 91 -11.35 -1.97 20.53
N THR A 92 -11.71 -1.61 21.76
CA THR A 92 -10.88 -1.68 22.97
C THR A 92 -11.69 -2.33 24.10
N PRO A 93 -11.08 -3.20 24.93
CA PRO A 93 -11.69 -3.62 26.18
C PRO A 93 -12.02 -2.44 27.12
N ALA A 94 -11.23 -1.36 27.07
CA ALA A 94 -11.29 -0.21 28.00
C ALA A 94 -12.73 0.33 28.10
N ARG A 95 -13.24 0.43 29.33
CA ARG A 95 -14.60 0.97 29.66
C ARG A 95 -14.52 2.50 29.73
N SER A 96 -13.33 3.09 29.52
CA SER A 96 -13.06 4.55 29.67
C SER A 96 -11.73 4.93 29.03
N LEU A 97 -11.51 6.24 28.87
CA LEU A 97 -10.24 6.86 28.41
C LEU A 97 -9.14 6.66 29.46
N GLU A 98 -9.50 6.77 30.74
CA GLU A 98 -8.59 6.52 31.90
C GLU A 98 -7.79 5.22 31.67
N GLU A 99 -8.42 4.19 31.07
CA GLU A 99 -7.90 2.79 31.02
C GLU A 99 -7.43 2.42 29.61
N PHE A 100 -7.72 3.25 28.62
CA PHE A 100 -7.40 2.98 27.19
C PHE A 100 -5.90 2.68 27.07
N ASN A 101 -5.51 1.51 26.57
CA ASN A 101 -4.09 1.16 26.28
C ASN A 101 -3.97 0.23 25.07
N ASP A 102 -5.02 -0.53 24.75
CA ASP A 102 -5.03 -1.62 23.74
C ASP A 102 -6.04 -1.23 22.66
N VAL A 103 -5.66 -1.36 21.38
CA VAL A 103 -6.53 -1.07 20.21
C VAL A 103 -6.54 -2.31 19.33
N TYR A 104 -7.70 -2.78 18.92
CA TYR A 104 -7.82 -3.93 18.01
C TYR A 104 -8.49 -3.44 16.73
N LEU A 105 -8.00 -3.87 15.56
CA LEU A 105 -8.59 -3.56 14.23
C LEU A 105 -9.08 -4.86 13.60
N VAL A 106 -10.27 -4.84 12.98
CA VAL A 106 -10.84 -6.01 12.27
C VAL A 106 -10.98 -5.67 10.80
N THR A 107 -10.47 -6.55 9.93
CA THR A 107 -10.55 -6.46 8.44
C THR A 107 -10.95 -7.83 7.88
N HIS A 108 -11.21 -7.94 6.58
CA HIS A 108 -11.31 -9.27 5.91
C HIS A 108 -9.97 -10.00 6.16
N LEU A 109 -10.03 -11.29 6.36
CA LEU A 109 -8.83 -12.16 6.39
C LEU A 109 -8.28 -12.22 4.97
N MET A 110 -6.96 -12.18 4.81
CA MET A 110 -6.33 -12.30 3.47
C MET A 110 -6.13 -13.78 3.17
N GLY A 111 -6.49 -14.22 1.97
CA GLY A 111 -6.33 -15.60 1.49
C GLY A 111 -4.99 -15.77 0.79
N ALA A 112 -4.64 -14.80 -0.07
CA ALA A 112 -3.34 -14.74 -0.78
C ALA A 112 -2.93 -13.28 -1.03
N ASP A 113 -1.64 -12.99 -0.83
CA ASP A 113 -1.02 -11.75 -1.36
C ASP A 113 -0.72 -12.02 -2.85
N LEU A 114 -0.44 -10.98 -3.62
CA LEU A 114 -0.08 -11.08 -5.05
C LEU A 114 1.16 -11.96 -5.24
N ASN A 115 2.09 -11.96 -4.29
CA ASN A 115 3.27 -12.87 -4.30
C ASN A 115 2.81 -14.33 -4.39
N ASN A 116 1.89 -14.75 -3.51
CA ASN A 116 1.43 -16.16 -3.43
C ASN A 116 0.84 -16.53 -4.79
N ILE A 117 -0.01 -15.66 -5.33
CA ILE A 117 -0.66 -15.83 -6.65
C ILE A 117 0.40 -16.29 -7.63
N VAL A 118 1.41 -15.45 -7.88
CA VAL A 118 2.47 -15.67 -8.90
C VAL A 118 3.16 -17.04 -8.69
N LYS A 119 3.43 -17.43 -7.44
CA LYS A 119 4.00 -18.76 -7.10
C LYS A 119 3.05 -19.86 -7.59
N CYS A 120 1.74 -19.65 -7.41
CA CYS A 120 0.66 -20.62 -7.72
C CYS A 120 0.51 -20.80 -9.25
N GLN A 121 0.44 -19.72 -10.05
CA GLN A 121 0.01 -19.79 -11.48
C GLN A 121 0.79 -18.79 -12.35
N LYS A 122 1.00 -19.14 -13.63
CA LYS A 122 1.60 -18.25 -14.68
C LYS A 122 0.47 -17.38 -15.27
N LEU A 123 0.43 -16.09 -14.90
CA LEU A 123 -0.64 -15.10 -15.24
C LEU A 123 -0.68 -14.82 -16.75
N THR A 124 -1.89 -14.65 -17.29
CA THR A 124 -2.17 -14.23 -18.68
C THR A 124 -2.31 -12.71 -18.73
N ASP A 125 -2.43 -12.17 -19.94
CA ASP A 125 -2.64 -10.71 -20.17
C ASP A 125 -4.04 -10.33 -19.67
N ASP A 126 -5.01 -11.23 -19.70
CA ASP A 126 -6.34 -10.95 -19.11
C ASP A 126 -6.14 -10.68 -17.62
N HIS A 127 -5.34 -11.51 -16.94
CA HIS A 127 -5.06 -11.32 -15.50
C HIS A 127 -4.38 -9.98 -15.29
N VAL A 128 -3.26 -9.75 -15.97
CA VAL A 128 -2.40 -8.57 -15.73
C VAL A 128 -3.25 -7.30 -15.95
N GLN A 129 -4.05 -7.24 -17.01
CA GLN A 129 -4.96 -6.09 -17.27
C GLN A 129 -5.85 -5.85 -16.04
N PHE A 130 -6.50 -6.91 -15.56
CA PHE A 130 -7.55 -6.81 -14.52
C PHE A 130 -6.89 -6.41 -13.20
N LEU A 131 -5.80 -7.09 -12.84
CA LEU A 131 -5.06 -6.80 -11.59
C LEU A 131 -4.56 -5.36 -11.59
N ILE A 132 -3.91 -4.90 -12.66
CA ILE A 132 -3.33 -3.54 -12.69
C ILE A 132 -4.46 -2.53 -12.74
N TYR A 133 -5.55 -2.85 -13.43
CA TYR A 133 -6.72 -1.95 -13.52
C TYR A 133 -7.18 -1.66 -12.10
N GLN A 134 -7.27 -2.69 -11.26
CA GLN A 134 -7.77 -2.64 -9.86
C GLN A 134 -6.81 -1.83 -8.98
N ILE A 135 -5.49 -2.03 -9.11
CA ILE A 135 -4.50 -1.25 -8.32
C ILE A 135 -4.67 0.22 -8.68
N LEU A 136 -4.77 0.54 -9.98
CA LEU A 136 -4.83 1.95 -10.45
C LEU A 136 -6.15 2.57 -10.00
N ARG A 137 -7.19 1.76 -9.90
CA ARG A 137 -8.51 2.22 -9.42
C ARG A 137 -8.38 2.58 -7.94
N GLY A 138 -7.86 1.67 -7.12
CA GLY A 138 -7.58 1.92 -5.69
C GLY A 138 -6.73 3.16 -5.50
N LEU A 139 -5.62 3.26 -6.22
CA LEU A 139 -4.72 4.45 -6.21
C LEU A 139 -5.47 5.72 -6.60
N LYS A 140 -6.42 5.66 -7.54
CA LYS A 140 -7.11 6.90 -7.97
C LYS A 140 -7.86 7.47 -6.77
N TYR A 141 -8.55 6.60 -6.03
CA TYR A 141 -9.29 6.87 -4.78
C TYR A 141 -8.37 7.48 -3.70
N ILE A 142 -7.23 6.80 -3.45
CA ILE A 142 -6.25 7.13 -2.37
C ILE A 142 -5.62 8.48 -2.66
N HIS A 143 -5.11 8.64 -3.88
CA HIS A 143 -4.52 9.90 -4.41
C HIS A 143 -5.50 11.07 -4.29
N SER A 144 -6.80 10.86 -4.54
CA SER A 144 -7.83 11.92 -4.46
C SER A 144 -7.88 12.53 -3.05
N ALA A 145 -7.65 11.71 -2.02
CA ALA A 145 -7.64 12.08 -0.58
C ALA A 145 -6.28 12.67 -0.15
N ASP A 146 -5.36 12.91 -1.09
CA ASP A 146 -3.98 13.40 -0.81
C ASP A 146 -3.28 12.36 0.08
N ILE A 147 -3.53 11.08 -0.16
CA ILE A 147 -2.83 9.94 0.52
C ILE A 147 -1.89 9.32 -0.50
N ILE A 148 -0.63 9.16 -0.16
CA ILE A 148 0.35 8.38 -0.97
C ILE A 148 0.68 7.12 -0.20
N HIS A 149 0.64 5.99 -0.89
CA HIS A 149 0.93 4.67 -0.27
C HIS A 149 2.38 4.69 0.23
N ARG A 150 3.33 4.92 -0.68
CA ARG A 150 4.79 5.07 -0.45
C ARG A 150 5.48 3.70 -0.39
N ASP A 151 4.75 2.61 -0.13
CA ASP A 151 5.34 1.25 -0.03
C ASP A 151 4.50 0.23 -0.82
N LEU A 152 4.04 0.59 -2.01
CA LEU A 152 3.37 -0.38 -2.93
C LEU A 152 4.34 -1.51 -3.24
N LYS A 153 3.94 -2.74 -2.96
CA LYS A 153 4.72 -3.95 -3.31
C LYS A 153 3.77 -5.14 -3.30
N PRO A 154 4.13 -6.24 -4.00
CA PRO A 154 3.29 -7.45 -4.03
C PRO A 154 2.72 -7.97 -2.70
N SER A 155 3.50 -7.97 -1.61
CA SER A 155 3.05 -8.45 -0.27
C SER A 155 1.97 -7.55 0.35
N ASN A 156 1.77 -6.33 -0.18
CA ASN A 156 0.73 -5.37 0.27
C ASN A 156 -0.47 -5.39 -0.67
N LEU A 157 -0.51 -6.36 -1.56
CA LEU A 157 -1.64 -6.54 -2.49
C LEU A 157 -2.32 -7.87 -2.19
N ALA A 158 -3.56 -7.81 -1.72
CA ALA A 158 -4.39 -8.99 -1.39
C ALA A 158 -5.30 -9.30 -2.57
N VAL A 159 -5.38 -10.58 -2.97
CA VAL A 159 -6.02 -11.02 -4.24
C VAL A 159 -6.83 -12.29 -3.95
N ASN A 160 -8.14 -12.29 -4.28
CA ASN A 160 -9.12 -13.34 -3.87
C ASN A 160 -9.34 -14.36 -5.00
N GLU A 161 -10.24 -15.32 -4.78
CA GLU A 161 -10.54 -16.44 -5.72
C GLU A 161 -10.93 -15.90 -7.09
N ASP A 162 -11.54 -14.70 -7.16
CA ASP A 162 -12.03 -14.05 -8.41
C ASP A 162 -10.93 -13.23 -9.10
N CYS A 163 -9.71 -13.25 -8.54
CA CYS A 163 -8.59 -12.31 -8.81
C CYS A 163 -9.08 -10.86 -8.58
N GLU A 164 -9.90 -10.64 -7.55
CA GLU A 164 -10.26 -9.29 -7.05
C GLU A 164 -9.16 -8.87 -6.07
N LEU A 165 -8.86 -7.58 -5.98
CA LEU A 165 -7.61 -7.12 -5.34
C LEU A 165 -7.90 -5.95 -4.40
N LYS A 166 -7.25 -5.98 -3.24
CA LYS A 166 -7.32 -4.87 -2.27
C LYS A 166 -5.90 -4.38 -2.01
N ILE A 167 -5.70 -3.06 -2.04
CA ILE A 167 -4.44 -2.41 -1.61
C ILE A 167 -4.49 -2.28 -0.09
N LEU A 168 -3.42 -2.65 0.59
CA LEU A 168 -3.26 -2.40 2.05
C LEU A 168 -1.79 -2.11 2.35
N ASP A 169 -1.44 -1.93 3.62
CA ASP A 169 -0.06 -1.66 4.11
C ASP A 169 0.13 -2.38 5.44
N PHE A 170 0.88 -3.47 5.43
CA PHE A 170 1.14 -4.36 6.58
C PHE A 170 2.33 -3.82 7.42
N GLY A 171 3.09 -2.85 6.89
CA GLY A 171 4.14 -2.11 7.62
C GLY A 171 5.47 -2.83 7.58
N ALA A 185 10.39 -7.14 -0.85
CA ALA A 185 11.38 -6.09 -0.54
C ALA A 185 10.90 -4.73 -1.08
N THR A 186 10.59 -3.79 -0.19
CA THR A 186 10.20 -2.38 -0.49
C THR A 186 11.18 -1.78 -1.52
N ARG A 187 12.49 -2.02 -1.35
CA ARG A 187 13.60 -1.48 -2.20
C ARG A 187 13.23 -1.60 -3.69
N TRP A 188 12.92 -2.82 -4.17
CA TRP A 188 12.74 -3.19 -5.60
C TRP A 188 11.71 -2.28 -6.31
N TYR A 189 10.74 -1.76 -5.57
CA TYR A 189 9.49 -1.14 -6.13
C TYR A 189 9.47 0.36 -5.84
N ARG A 190 10.52 0.87 -5.18
CA ARG A 190 10.61 2.25 -4.67
C ARG A 190 11.05 3.19 -5.81
N ALA A 191 10.32 4.29 -6.01
CA ALA A 191 10.64 5.35 -7.00
C ALA A 191 12.05 5.86 -6.74
N PRO A 192 12.78 6.26 -7.79
CA PRO A 192 14.20 6.64 -7.65
C PRO A 192 14.43 7.93 -6.85
N GLU A 193 13.52 8.92 -6.97
CA GLU A 193 13.54 10.21 -6.20
C GLU A 193 13.62 9.96 -4.69
N ILE A 194 13.08 8.84 -4.20
CA ILE A 194 13.03 8.48 -2.77
C ILE A 194 14.37 7.88 -2.34
N MET A 195 14.99 7.07 -3.19
CA MET A 195 16.28 6.42 -2.87
C MET A 195 17.43 7.42 -3.04
N LEU A 196 17.15 8.57 -3.65
CA LEU A 196 18.12 9.69 -3.78
C LEU A 196 17.79 10.81 -2.79
N ASN A 197 16.66 10.73 -2.09
CA ASN A 197 16.31 11.65 -0.98
C ASN A 197 16.17 13.06 -1.56
N TRP A 198 15.51 13.19 -2.71
CA TRP A 198 15.16 14.51 -3.31
C TRP A 198 14.04 15.13 -2.46
N MET A 199 13.95 16.46 -2.44
CA MET A 199 12.84 17.20 -1.74
C MET A 199 11.51 16.74 -2.33
N HIS A 200 11.22 17.15 -3.56
CA HIS A 200 9.91 17.01 -4.27
C HIS A 200 9.48 15.54 -4.36
N TYR A 201 8.20 15.32 -4.07
CA TYR A 201 7.52 14.04 -3.72
C TYR A 201 6.08 14.17 -4.19
N ASN A 202 5.66 13.47 -5.25
CA ASN A 202 4.24 13.46 -5.67
C ASN A 202 3.69 12.03 -5.54
N GLN A 203 2.40 11.87 -5.83
CA GLN A 203 1.65 10.61 -5.67
C GLN A 203 2.24 9.55 -6.60
N THR A 204 2.85 9.98 -7.69
CA THR A 204 3.31 9.13 -8.81
C THR A 204 4.44 8.22 -8.34
N VAL A 205 4.95 8.40 -7.14
CA VAL A 205 5.89 7.44 -6.51
C VAL A 205 5.24 6.04 -6.55
N ASP A 206 3.93 6.00 -6.29
CA ASP A 206 3.10 4.78 -6.33
C ASP A 206 3.05 4.24 -7.77
N ILE A 207 2.86 5.11 -8.75
CA ILE A 207 2.79 4.70 -10.19
C ILE A 207 4.08 3.96 -10.55
N TRP A 208 5.24 4.51 -10.18
CA TRP A 208 6.55 3.85 -10.37
C TRP A 208 6.45 2.41 -9.88
N SER A 209 5.94 2.24 -8.66
CA SER A 209 5.79 0.90 -8.02
C SER A 209 4.86 0.02 -8.86
N VAL A 210 3.73 0.56 -9.33
CA VAL A 210 2.78 -0.21 -10.20
C VAL A 210 3.53 -0.67 -11.45
N GLY A 211 4.35 0.21 -12.03
CA GLY A 211 5.23 -0.14 -13.15
C GLY A 211 6.06 -1.34 -12.79
N CYS A 212 6.80 -1.28 -11.69
CA CYS A 212 7.72 -2.35 -11.22
C CYS A 212 6.94 -3.65 -11.04
N ILE A 213 5.71 -3.55 -10.54
CA ILE A 213 4.87 -4.72 -10.15
C ILE A 213 4.38 -5.39 -11.42
N MET A 214 3.90 -4.58 -12.37
CA MET A 214 3.34 -4.99 -13.68
C MET A 214 4.41 -5.70 -14.51
N ALA A 215 5.58 -5.08 -14.63
CA ALA A 215 6.79 -5.67 -15.24
C ALA A 215 7.04 -7.07 -14.67
N GLU A 216 7.04 -7.20 -13.35
CA GLU A 216 7.19 -8.52 -12.65
C GLU A 216 6.11 -9.49 -13.13
N LEU A 217 4.85 -9.05 -13.24
CA LEU A 217 3.74 -9.91 -13.69
C LEU A 217 3.95 -10.30 -15.16
N LEU A 218 4.47 -9.39 -15.98
CA LEU A 218 4.75 -9.70 -17.39
C LEU A 218 5.96 -10.64 -17.50
N THR A 219 7.10 -10.29 -16.89
CA THR A 219 8.40 -11.00 -17.10
C THR A 219 8.61 -12.12 -16.08
N GLY A 220 7.83 -12.14 -15.01
CA GLY A 220 8.00 -13.14 -13.94
C GLY A 220 9.31 -12.99 -13.18
N ARG A 221 10.01 -11.85 -13.30
CA ARG A 221 11.27 -11.60 -12.54
C ARG A 221 11.29 -10.16 -12.06
N THR A 222 11.98 -9.91 -10.95
CA THR A 222 12.18 -8.56 -10.38
C THR A 222 12.88 -7.72 -11.44
N LEU A 223 12.24 -6.64 -11.86
CA LEU A 223 12.75 -5.71 -12.89
C LEU A 223 14.08 -5.10 -12.43
N PHE A 224 14.14 -4.49 -11.22
CA PHE A 224 15.34 -3.84 -10.65
C PHE A 224 15.85 -4.57 -9.41
N PRO A 225 16.34 -5.81 -9.55
CA PRO A 225 16.73 -6.61 -8.37
C PRO A 225 18.09 -6.12 -7.84
N GLY A 226 18.08 -5.01 -7.09
CA GLY A 226 19.30 -4.29 -6.66
C GLY A 226 19.82 -4.71 -5.28
N THR A 227 21.05 -5.26 -5.24
CA THR A 227 21.75 -5.75 -4.02
C THR A 227 21.72 -4.68 -2.92
N ASP A 228 21.94 -3.41 -3.28
CA ASP A 228 21.78 -2.24 -2.37
C ASP A 228 21.09 -1.13 -3.16
N HIS A 229 20.84 0.01 -2.51
CA HIS A 229 20.12 1.15 -3.13
C HIS A 229 20.95 1.72 -4.26
N ILE A 230 22.28 1.64 -4.19
CA ILE A 230 23.20 2.22 -5.22
C ILE A 230 23.13 1.31 -6.45
N ASP A 231 23.20 -0.01 -6.23
CA ASP A 231 23.02 -1.06 -7.27
C ASP A 231 21.65 -0.93 -7.93
N GLN A 232 20.61 -0.72 -7.12
CA GLN A 232 19.22 -0.48 -7.56
C GLN A 232 19.15 0.67 -8.57
N LEU A 233 19.75 1.81 -8.21
CA LEU A 233 19.69 3.08 -8.98
C LEU A 233 20.42 2.91 -10.32
N LYS A 234 21.46 2.07 -10.35
CA LYS A 234 22.20 1.70 -11.59
C LYS A 234 21.28 0.92 -12.53
N LEU A 235 20.61 -0.11 -12.00
CA LEU A 235 19.69 -0.99 -12.75
C LEU A 235 18.55 -0.15 -13.32
N ILE A 236 18.08 0.85 -12.59
CA ILE A 236 17.02 1.77 -13.06
C ILE A 236 17.58 2.63 -14.20
N LEU A 237 18.70 3.32 -13.98
CA LEU A 237 19.16 4.39 -14.89
C LEU A 237 19.64 3.82 -16.23
N ARG A 238 20.05 2.56 -16.29
CA ARG A 238 20.48 1.89 -17.55
C ARG A 238 19.25 1.55 -18.39
N LEU A 239 18.07 1.52 -17.78
CA LEU A 239 16.79 1.15 -18.45
C LEU A 239 15.98 2.40 -18.83
N VAL A 240 15.96 3.43 -17.98
CA VAL A 240 15.09 4.64 -18.12
C VAL A 240 15.94 5.84 -18.55
N GLY A 241 17.21 5.62 -18.92
CA GLY A 241 18.10 6.60 -19.57
C GLY A 241 18.85 7.48 -18.59
N THR A 242 20.07 7.89 -18.93
CA THR A 242 20.81 9.02 -18.29
C THR A 242 19.84 10.19 -18.17
N PRO A 243 19.73 10.85 -17.00
CA PRO A 243 18.74 11.90 -16.80
C PRO A 243 18.77 12.96 -17.91
N GLY A 244 17.58 13.33 -18.41
CA GLY A 244 17.45 14.33 -19.48
C GLY A 244 17.73 15.72 -18.97
N ALA A 245 18.21 16.62 -19.85
CA ALA A 245 18.27 18.08 -19.64
C ALA A 245 17.12 18.51 -18.71
N GLU A 246 15.87 18.16 -19.08
CA GLU A 246 14.61 18.54 -18.40
C GLU A 246 14.69 18.20 -16.90
N LEU A 247 15.16 16.98 -16.57
CA LEU A 247 15.18 16.44 -15.18
C LEU A 247 16.26 17.15 -14.38
N LEU A 248 17.50 17.15 -14.89
CA LEU A 248 18.69 17.71 -14.21
C LEU A 248 18.41 19.17 -13.85
N LYS A 249 17.56 19.85 -14.62
CA LYS A 249 17.19 21.27 -14.44
C LYS A 249 16.20 21.40 -13.27
N LYS A 250 16.06 20.34 -12.47
CA LYS A 250 15.19 20.34 -11.27
C LYS A 250 15.93 19.72 -10.08
N ILE A 251 17.23 19.44 -10.18
CA ILE A 251 18.09 19.05 -9.01
C ILE A 251 18.95 20.25 -8.61
N SER A 252 18.96 20.56 -7.30
CA SER A 252 19.51 21.79 -6.70
C SER A 252 21.01 21.65 -6.43
N SER A 253 21.42 20.54 -5.77
CA SER A 253 22.82 20.30 -5.33
C SER A 253 23.67 19.78 -6.49
N GLU A 254 24.69 20.56 -6.86
CA GLU A 254 25.83 20.11 -7.70
C GLU A 254 26.18 18.65 -7.34
N SER A 255 26.28 18.37 -6.03
CA SER A 255 26.67 17.04 -5.47
C SER A 255 25.69 15.96 -5.94
N ALA A 256 24.39 16.25 -5.88
CA ALA A 256 23.30 15.31 -6.26
C ALA A 256 23.34 15.07 -7.77
N ARG A 257 23.38 16.16 -8.55
CA ARG A 257 23.41 16.14 -10.03
C ARG A 257 24.59 15.29 -10.51
N ASN A 258 25.78 15.49 -9.95
CA ASN A 258 27.02 14.75 -10.30
C ASN A 258 26.87 13.27 -9.93
N TYR A 259 26.17 12.98 -8.83
CA TYR A 259 25.95 11.60 -8.35
C TYR A 259 24.98 10.87 -9.30
N ILE A 260 23.85 11.49 -9.60
CA ILE A 260 22.81 10.90 -10.48
C ILE A 260 23.45 10.55 -11.84
N GLN A 261 24.24 11.44 -12.44
CA GLN A 261 24.85 11.21 -13.76
C GLN A 261 26.07 10.29 -13.58
N SER A 262 26.62 10.20 -12.37
CA SER A 262 27.76 9.31 -12.01
C SER A 262 27.28 7.85 -11.91
N LEU A 263 26.02 7.61 -11.55
CA LEU A 263 25.43 6.24 -11.44
C LEU A 263 24.76 5.84 -12.77
N ALA A 264 24.77 6.72 -13.77
CA ALA A 264 24.24 6.46 -15.12
C ALA A 264 25.42 6.29 -16.08
N GLN A 265 26.28 5.32 -15.74
CA GLN A 265 27.52 4.97 -16.49
C GLN A 265 27.57 3.44 -16.65
N MET A 266 26.41 2.80 -16.61
CA MET A 266 26.16 1.43 -17.13
C MET A 266 25.67 1.57 -18.58
N PRO A 267 26.16 0.78 -19.57
CA PRO A 267 25.63 0.87 -20.93
C PRO A 267 24.10 0.88 -20.87
N LYS A 268 23.47 1.76 -21.66
CA LYS A 268 21.98 1.92 -21.67
C LYS A 268 21.37 0.63 -22.21
N MET A 269 20.15 0.30 -21.78
CA MET A 269 19.37 -0.88 -22.24
C MET A 269 18.18 -0.41 -23.10
N ASN A 270 17.65 -1.31 -23.92
CA ASN A 270 16.48 -1.06 -24.80
C ASN A 270 15.24 -1.54 -24.07
N PHE A 271 14.34 -0.60 -23.77
CA PHE A 271 13.08 -0.77 -23.00
C PHE A 271 12.27 -1.99 -23.46
N ALA A 272 11.85 -2.01 -24.73
CA ALA A 272 10.90 -3.01 -25.29
C ALA A 272 11.58 -4.39 -25.40
N ASN A 273 12.92 -4.39 -25.45
CA ASN A 273 13.77 -5.62 -25.45
C ASN A 273 13.53 -6.36 -24.13
N VAL A 274 13.47 -5.61 -23.03
CA VAL A 274 13.30 -6.17 -21.67
C VAL A 274 11.95 -6.86 -21.54
N PHE A 275 10.96 -6.55 -22.40
CA PHE A 275 9.60 -7.15 -22.33
C PHE A 275 9.19 -7.79 -23.67
N ILE A 276 10.14 -8.32 -24.44
CA ILE A 276 9.85 -9.12 -25.68
C ILE A 276 8.86 -10.23 -25.32
N GLY A 277 7.70 -10.23 -25.97
CA GLY A 277 6.63 -11.21 -25.72
C GLY A 277 5.41 -10.55 -25.13
N ALA A 278 5.58 -9.46 -24.40
CA ALA A 278 4.48 -8.71 -23.74
C ALA A 278 3.58 -8.05 -24.79
N ASN A 279 2.31 -7.87 -24.46
CA ASN A 279 1.34 -7.05 -25.23
C ASN A 279 1.92 -5.64 -25.37
N PRO A 280 2.11 -5.14 -26.62
CA PRO A 280 2.72 -3.83 -26.83
C PRO A 280 1.97 -2.72 -26.10
N LEU A 281 0.65 -2.82 -25.98
CA LEU A 281 -0.16 -1.87 -25.18
C LEU A 281 0.29 -1.88 -23.72
N ALA A 282 0.75 -3.02 -23.20
CA ALA A 282 1.29 -3.15 -21.82
C ALA A 282 2.61 -2.38 -21.75
N VAL A 283 3.52 -2.65 -22.70
CA VAL A 283 4.86 -2.01 -22.76
C VAL A 283 4.65 -0.50 -22.88
N ASP A 284 3.67 -0.08 -23.69
CA ASP A 284 3.35 1.35 -23.88
C ASP A 284 3.04 1.96 -22.51
N LEU A 285 2.23 1.25 -21.72
CA LEU A 285 1.78 1.73 -20.39
C LEU A 285 2.96 1.76 -19.43
N LEU A 286 3.74 0.68 -19.37
CA LEU A 286 4.98 0.58 -18.55
C LEU A 286 5.87 1.80 -18.78
N GLU A 287 5.96 2.22 -20.04
CA GLU A 287 6.87 3.30 -20.51
C GLU A 287 6.41 4.64 -19.90
N LYS A 288 5.11 4.80 -19.64
CA LYS A 288 4.54 6.03 -19.06
C LYS A 288 4.50 5.93 -17.53
N MET A 289 4.87 4.79 -16.96
CA MET A 289 4.89 4.60 -15.50
C MET A 289 6.32 4.69 -15.00
N LEU A 290 7.25 4.02 -15.69
CA LEU A 290 8.68 3.98 -15.29
C LEU A 290 9.41 5.17 -15.93
N VAL A 291 8.99 6.39 -15.58
CA VAL A 291 9.58 7.66 -16.07
C VAL A 291 10.35 8.27 -14.91
N LEU A 292 11.64 8.54 -15.13
CA LEU A 292 12.58 9.17 -14.16
C LEU A 292 11.95 10.45 -13.59
N ASP A 293 11.56 11.36 -14.48
CA ASP A 293 10.94 12.67 -14.12
C ASP A 293 9.51 12.42 -13.65
N SER A 294 9.28 12.52 -12.34
CA SER A 294 7.97 12.29 -11.70
C SER A 294 6.94 13.33 -12.17
N ASP A 295 7.38 14.49 -12.65
CA ASP A 295 6.47 15.52 -13.22
C ASP A 295 5.89 15.05 -14.56
N LYS A 296 6.53 14.06 -15.20
CA LYS A 296 6.16 13.58 -16.56
C LYS A 296 5.72 12.10 -16.48
N ARG A 297 5.63 11.54 -15.27
CA ARG A 297 5.14 10.15 -15.04
C ARG A 297 3.61 10.19 -14.94
N ILE A 298 2.92 9.24 -15.58
CA ILE A 298 1.41 9.26 -15.72
C ILE A 298 0.76 9.18 -14.33
N THR A 299 -0.47 9.68 -14.17
CA THR A 299 -1.27 9.55 -12.92
C THR A 299 -2.22 8.35 -13.01
N ALA A 300 -2.65 7.84 -11.85
CA ALA A 300 -3.57 6.69 -11.72
C ALA A 300 -4.77 6.94 -12.63
N ALA A 301 -5.36 8.13 -12.56
CA ALA A 301 -6.59 8.48 -13.31
C ALA A 301 -6.32 8.43 -14.82
N GLN A 302 -5.19 8.96 -15.29
CA GLN A 302 -4.80 8.86 -16.72
C GLN A 302 -4.58 7.37 -17.05
N ALA A 303 -3.85 6.63 -16.24
CA ALA A 303 -3.52 5.21 -16.50
C ALA A 303 -4.80 4.43 -16.82
N LEU A 304 -5.86 4.64 -16.02
CA LEU A 304 -7.18 3.97 -16.18
C LEU A 304 -7.72 4.17 -17.61
N ALA A 305 -7.44 5.32 -18.24
CA ALA A 305 -7.93 5.66 -19.59
C ALA A 305 -6.97 5.09 -20.66
N HIS A 306 -5.89 4.42 -20.26
CA HIS A 306 -4.96 3.79 -21.23
C HIS A 306 -5.65 2.61 -21.91
N ALA A 307 -5.28 2.33 -23.15
CA ALA A 307 -5.99 1.42 -24.10
C ALA A 307 -5.85 -0.03 -23.61
N TYR A 308 -4.79 -0.33 -22.89
CA TYR A 308 -4.52 -1.66 -22.30
C TYR A 308 -5.68 -2.09 -21.39
N PHE A 309 -6.47 -1.14 -20.87
CA PHE A 309 -7.62 -1.39 -19.95
C PHE A 309 -8.95 -1.17 -20.66
N ALA A 310 -8.97 -1.28 -21.99
CA ALA A 310 -10.17 -1.21 -22.85
C ALA A 310 -11.27 -2.09 -22.25
N GLN A 311 -10.93 -3.35 -21.92
CA GLN A 311 -11.86 -4.42 -21.46
C GLN A 311 -12.53 -4.04 -20.14
N TYR A 312 -11.93 -3.19 -19.31
CA TYR A 312 -12.44 -2.97 -17.92
C TYR A 312 -12.81 -1.50 -17.71
N HIS A 313 -12.11 -0.56 -18.33
CA HIS A 313 -12.14 0.88 -17.93
C HIS A 313 -13.57 1.43 -18.12
N ASP A 314 -14.29 1.61 -17.03
CA ASP A 314 -15.57 2.38 -16.97
C ASP A 314 -15.35 3.64 -16.13
N PRO A 315 -15.39 4.86 -16.73
CA PRO A 315 -15.17 6.10 -15.99
C PRO A 315 -16.19 6.33 -14.86
N ASP A 316 -17.48 6.08 -15.11
CA ASP A 316 -18.57 6.34 -14.13
C ASP A 316 -18.42 5.41 -12.91
N ASP A 317 -17.40 4.53 -12.90
CA ASP A 317 -17.23 3.48 -11.86
C ASP A 317 -15.78 3.50 -11.33
N GLU A 318 -15.11 4.65 -11.42
CA GLU A 318 -13.73 4.86 -10.92
C GLU A 318 -13.76 6.09 -10.02
N PRO A 319 -14.44 6.00 -8.86
CA PRO A 319 -14.64 7.17 -8.02
C PRO A 319 -13.35 7.65 -7.33
N VAL A 320 -13.44 8.88 -6.84
CA VAL A 320 -12.45 9.55 -5.96
C VAL A 320 -12.99 9.45 -4.53
N ALA A 321 -12.14 9.63 -3.53
CA ALA A 321 -12.53 9.52 -2.11
C ALA A 321 -13.24 10.80 -1.67
N ASP A 322 -13.90 10.76 -0.52
CA ASP A 322 -14.46 11.96 0.17
C ASP A 322 -13.33 12.79 0.76
N PRO A 323 -13.58 14.08 1.12
CA PRO A 323 -12.55 14.89 1.78
C PRO A 323 -12.03 14.19 3.05
N TYR A 324 -10.71 14.10 3.14
CA TYR A 324 -9.94 13.44 4.21
C TYR A 324 -9.18 14.52 4.99
N ASP A 325 -9.65 14.86 6.18
CA ASP A 325 -8.97 15.82 7.09
C ASP A 325 -7.64 15.20 7.52
N GLN A 326 -6.55 15.71 6.95
CA GLN A 326 -5.16 15.24 7.19
C GLN A 326 -4.44 16.22 8.11
N SER A 327 -5.14 17.24 8.62
CA SER A 327 -4.56 18.42 9.32
C SER A 327 -3.81 17.99 10.57
N PHE A 328 -4.14 16.82 11.13
CA PHE A 328 -3.44 16.24 12.29
C PHE A 328 -1.99 15.89 11.92
N GLU A 329 -1.71 15.67 10.64
CA GLU A 329 -0.34 15.30 10.18
C GLU A 329 0.68 16.33 10.63
N SER A 330 0.30 17.62 10.62
CA SER A 330 1.18 18.78 10.86
C SER A 330 1.36 19.02 12.37
N ARG A 331 0.59 18.36 13.23
CA ARG A 331 0.53 18.70 14.68
C ARG A 331 1.64 17.99 15.47
N ASP A 332 2.35 18.73 16.34
CA ASP A 332 3.18 18.23 17.47
C ASP A 332 2.33 18.27 18.74
N LEU A 333 1.73 17.12 19.13
CA LEU A 333 0.85 16.95 20.33
C LEU A 333 1.45 15.93 21.31
N LEU A 334 0.85 15.84 22.49
CA LEU A 334 1.25 14.95 23.62
C LEU A 334 0.47 13.63 23.53
N ILE A 335 1.04 12.54 24.06
CA ILE A 335 0.45 11.18 23.99
C ILE A 335 -1.04 11.28 24.36
N ASP A 336 -1.35 11.99 25.45
CA ASP A 336 -2.71 12.05 26.03
C ASP A 336 -3.67 12.77 25.06
N GLU A 337 -3.18 13.70 24.25
CA GLU A 337 -3.97 14.27 23.12
C GLU A 337 -4.18 13.19 22.05
N TRP A 338 -3.11 12.56 21.57
CA TRP A 338 -3.17 11.48 20.54
C TRP A 338 -4.09 10.37 21.04
N LYS A 339 -3.90 9.93 22.27
CA LYS A 339 -4.61 8.77 22.87
C LYS A 339 -6.09 9.14 23.03
N SER A 340 -6.37 10.43 23.18
CA SER A 340 -7.74 10.95 23.37
C SER A 340 -8.44 11.08 22.01
N LEU A 341 -7.73 11.61 21.03
CA LEU A 341 -8.26 11.70 19.66
C LEU A 341 -8.52 10.27 19.14
N THR A 342 -7.64 9.32 19.46
CA THR A 342 -7.81 7.89 19.10
C THR A 342 -9.10 7.32 19.71
N TYR A 343 -9.36 7.52 21.01
CA TYR A 343 -10.55 7.03 21.75
C TYR A 343 -11.82 7.57 21.09
N ASP A 344 -11.93 8.89 20.94
CA ASP A 344 -12.96 9.59 20.12
C ASP A 344 -13.34 8.68 18.94
N GLU A 345 -12.33 8.35 18.13
CA GLU A 345 -12.47 7.69 16.80
C GLU A 345 -12.92 6.23 17.00
N VAL A 346 -12.42 5.54 18.01
CA VAL A 346 -12.85 4.15 18.36
C VAL A 346 -14.32 4.17 18.78
N ILE A 347 -14.68 4.98 19.77
CA ILE A 347 -16.07 4.93 20.32
C ILE A 347 -17.04 5.26 19.19
N SER A 348 -16.66 6.18 18.29
CA SER A 348 -17.58 6.82 17.31
C SER A 348 -17.66 6.01 16.01
N PHE A 349 -16.95 4.88 15.92
CA PHE A 349 -16.94 4.02 14.70
C PHE A 349 -18.32 3.40 14.47
N VAL A 350 -18.72 3.33 13.20
CA VAL A 350 -20.01 2.78 12.69
C VAL A 350 -19.69 1.72 11.66
N PRO A 351 -19.89 0.41 11.96
CA PRO A 351 -19.57 -0.64 11.00
C PRO A 351 -20.16 -0.38 9.61
N PRO A 352 -19.51 -0.87 8.53
CA PRO A 352 -20.14 -0.90 7.21
C PRO A 352 -21.34 -1.82 7.25
N PRO A 353 -22.34 -1.64 6.36
CA PRO A 353 -23.45 -2.60 6.22
C PRO A 353 -23.06 -3.96 5.60
N LEU A 354 -23.89 -5.01 5.80
CA LEU A 354 -23.64 -6.42 5.39
C LEU A 354 -24.39 -6.74 4.09
C1 TJZ B . -2.70 0.89 6.79
N1 TJZ B . -0.56 0.82 7.94
C2 TJZ B . -1.64 1.55 7.68
C3 TJZ B . 0.79 1.37 7.99
C4 TJZ B . 0.79 2.64 8.80
C5 TJZ B . 2.48 5.77 8.17
C6 TJZ B . 3.10 2.23 9.56
C7 TJZ B . 3.15 0.97 8.72
C8 TJZ B . 1.76 0.37 8.59
C9 TJZ B . -3.88 1.83 6.51
C10 TJZ B . -3.51 2.90 5.49
C11 TJZ B . -4.02 2.69 4.06
C12 TJZ B . -3.80 1.28 3.55
C13 TJZ B . -4.27 1.12 2.10
C14 TJZ B . -3.56 2.08 1.21
C15 TJZ B . -3.80 3.51 1.66
C16 TJZ B . -3.36 3.70 3.11
C17 TJZ B . -3.91 -2.58 7.61
C18 TJZ B . -3.73 -3.88 7.16
C19 TJZ B . -4.15 -4.96 7.90
C20 TJZ B . -4.52 -2.40 8.85
C21 TJZ B . -4.95 -3.47 9.59
C22 TJZ B . -4.78 -4.77 9.13
C23 TJZ B . -5.33 -5.93 9.91
C24 TJZ B . -4.42 -7.96 8.88
C25 TJZ B . -2.27 -8.58 9.32
C26 TJZ B . -3.46 -9.97 8.08
C27 TJZ B . -4.58 -9.14 8.11
C28 TJZ B . -5.54 -9.80 7.31
O3 TJZ B . -1.83 2.67 8.14
N2 TJZ B . 2.14 3.20 9.00
S TJZ B . 2.22 4.74 9.56
O2 TJZ B . 3.38 4.81 10.39
O1 TJZ B . 0.95 5.05 10.13
N TJZ B . -3.16 -0.30 7.47
C TJZ B . -3.46 -1.42 6.80
O TJZ B . -3.35 -1.50 5.58
N3 TJZ B . -5.45 -7.13 9.09
N6 TJZ B . -5.09 -10.94 6.85
N7 TJZ B . -3.80 -11.07 7.34
N5 TJZ B . -2.29 -9.73 8.67
N4 TJZ B . -3.26 -7.68 9.48
C29 TJZ B . -3.06 -12.25 7.05
C34 TJZ B . -1.66 -12.24 7.13
C33 TJZ B . -0.94 -13.38 6.78
C32 TJZ B . -1.60 -14.52 6.37
C31 TJZ B . -2.99 -14.54 6.30
C30 TJZ B . -3.72 -13.40 6.64
C1 EDO C . -15.07 -17.70 4.58
O1 EDO C . -13.75 -17.97 4.94
C2 EDO C . -15.27 -16.27 4.29
O2 EDO C . -16.60 -15.96 3.97
C1 EDO D . -0.78 9.83 4.20
O1 EDO D . -0.07 10.72 3.34
C2 EDO D . -0.85 10.26 5.63
O2 EDO D . -1.98 11.04 6.00
O1 MES E . 2.71 11.52 6.36
C2 MES E . 2.85 10.31 5.66
C3 MES E . 3.49 9.24 6.50
N4 MES E . 4.83 9.69 6.98
C5 MES E . 4.69 11.02 7.65
C6 MES E . 3.98 12.00 6.76
C7 MES E . 5.44 8.63 7.87
C8 MES E . 6.66 9.08 8.67
S MES E . 6.34 9.12 10.42
O1S MES E . 5.52 10.27 10.66
O2S MES E . 7.62 9.21 11.06
O3S MES E . 5.67 7.88 10.74
#